data_7E0D
#
_entry.id   7E0D
#
_cell.length_a   124.760
_cell.length_b   124.760
_cell.length_c   170.201
_cell.angle_alpha   90.00
_cell.angle_beta   90.00
_cell.angle_gamma   120.00
#
_symmetry.space_group_name_H-M   'P 61 2 2'
#
loop_
_entity.id
_entity.type
_entity.pdbx_description
1 polymer 'L-glutamate oxidase'
2 non-polymer 'FLAVIN-ADENINE DINUCLEOTIDE'
3 non-polymer ARGININE
4 water water
#
_entity_poly.entity_id   1
_entity_poly.type   'polypeptide(L)'
_entity_poly.pdbx_seq_one_letter_code
;MNEMTYEQLARELLLVGPAPTNEDLKLRYLDVLIDNGLNPPGPPKRILIVGAGIAGLVAGDLLTRAGHDVTILEANANRV
GGRIKTFHAKKGEPSPFADPAQYAEAGAMRLPSFHPLTLALIDKLGLKRRLFFNVDIDPQTGNQDAPVPPVFYKSFKDGK
TWTNGAPSPEFKEPDKRNHTWIRTNREQVRRAQYATDPSSINEGFHLTGCETRLTVSDMVNQALEPVRDYYSVKQDDGTR
VNKPFKEWLAGWADVVRDFDGYSMGRFLREYAEFSDEAVEAIGTIENMTSELHLAFFHSFLGRSDIDPRATYWEIEGGSR
MLPETLAKDLRDQIVMGQRMVRLEYYDPGRDGHHGELTGPGGPAVAIQTVPEGEPYAATQTWTGDLAIVTIPFSSLRFVK
VTPPFSYKKRRAVIETHYDQATKVLLEFSRRWWEFTEADWKRELDAIAPGLYDYYQQWGEDDAEAALALPQSVRNLPTGL
LGAHPSVDESRIGEEQVEYYRNSELRGGVRPATNAYGGGSTTDNPNRFMYYPSHPVPGTQGGVVLAAYSWSDDAARWDSF
DDAERYGYALENLQSVHGRRIEVFYTGAGQTQSWLRDPYACGEAAVYTPHQMTAFHLDVVRPEGPVYFAGEHVSLKHAWI
EGAVETAVRAAIAVNEAPVGDTGVTAAAGRRGAAAATEPMREEALTS
;
_entity_poly.pdbx_strand_id   A
#
loop_
_chem_comp.id
_chem_comp.type
_chem_comp.name
_chem_comp.formula
FAD non-polymer 'FLAVIN-ADENINE DINUCLEOTIDE' 'C27 H33 N9 O15 P2'
#
# COMPACT_ATOMS: atom_id res chain seq x y z
N MET A 4 14.10 -18.32 16.89
CA MET A 4 15.10 -18.28 17.95
C MET A 4 16.47 -17.84 17.47
N THR A 5 16.68 -16.59 17.09
CA THR A 5 15.64 -15.56 17.00
C THR A 5 14.97 -15.65 15.63
N TYR A 6 15.71 -16.24 14.69
CA TYR A 6 15.28 -16.28 13.30
C TYR A 6 13.99 -17.07 13.12
N GLU A 7 13.88 -18.21 13.81
CA GLU A 7 12.69 -19.03 13.64
C GLU A 7 11.43 -18.30 14.09
N GLN A 8 11.51 -17.57 15.21
CA GLN A 8 10.35 -16.80 15.68
C GLN A 8 10.03 -15.66 14.72
N LEU A 9 11.03 -15.12 14.03
CA LEU A 9 10.75 -14.12 13.00
C LEU A 9 10.04 -14.74 11.81
N ALA A 10 10.46 -15.94 11.40
CA ALA A 10 9.80 -16.62 10.29
C ALA A 10 8.37 -16.99 10.66
N ARG A 11 8.10 -17.30 11.92
CA ARG A 11 6.73 -17.57 12.34
C ARG A 11 5.88 -16.32 12.28
N GLU A 12 6.42 -15.19 12.72
CA GLU A 12 5.71 -13.92 12.59
C GLU A 12 5.44 -13.59 11.13
N LEU A 13 6.39 -13.93 10.25
CA LEU A 13 6.26 -13.60 8.84
C LEU A 13 5.20 -14.45 8.16
N LEU A 14 5.22 -15.76 8.39
CA LEU A 14 4.33 -16.69 7.71
C LEU A 14 3.01 -16.89 8.45
N LEU A 15 2.80 -16.17 9.55
CA LEU A 15 1.58 -16.31 10.36
C LEU A 15 1.40 -17.75 10.85
N VAL A 16 2.43 -18.26 11.51
CA VAL A 16 2.43 -19.60 12.07
C VAL A 16 2.33 -19.50 13.58
N GLY A 17 1.34 -20.20 14.15
CA GLY A 17 1.19 -20.25 15.58
C GLY A 17 2.32 -21.01 16.24
N PRO A 18 2.32 -21.02 17.57
CA PRO A 18 3.39 -21.69 18.30
C PRO A 18 3.33 -23.20 18.14
N ALA A 19 4.50 -23.83 18.24
CA ALA A 19 4.59 -25.28 18.25
C ALA A 19 3.93 -25.84 19.51
N PRO A 20 3.48 -27.10 19.48
CA PRO A 20 3.54 -28.09 18.39
C PRO A 20 2.37 -28.03 17.42
N THR A 21 1.34 -27.24 17.75
CA THR A 21 0.17 -27.16 16.88
C THR A 21 0.51 -26.48 15.56
N ASN A 22 1.35 -25.44 15.60
CA ASN A 22 1.75 -24.69 14.41
C ASN A 22 0.53 -24.16 13.67
N GLU A 23 -0.37 -23.53 14.42
CA GLU A 23 -1.64 -23.08 13.86
C GLU A 23 -1.42 -22.01 12.80
N ASP A 24 -2.22 -22.09 11.73
CA ASP A 24 -2.23 -21.05 10.71
C ASP A 24 -3.04 -19.88 11.23
N LEU A 25 -2.35 -18.80 11.61
CA LEU A 25 -3.04 -17.66 12.21
C LEU A 25 -3.95 -16.96 11.22
N LYS A 26 -3.66 -17.08 9.92
CA LYS A 26 -4.54 -16.49 8.91
C LYS A 26 -5.94 -17.08 8.96
N LEU A 27 -6.03 -18.41 9.15
CA LEU A 27 -7.33 -19.04 9.32
C LEU A 27 -8.01 -18.56 10.59
N ARG A 28 -7.23 -18.40 11.67
CA ARG A 28 -7.78 -17.85 12.91
C ARG A 28 -8.35 -16.46 12.68
N TYR A 29 -7.57 -15.58 12.03
CA TYR A 29 -8.01 -14.21 11.81
C TYR A 29 -9.26 -14.17 10.93
N LEU A 30 -9.33 -15.05 9.94
CA LEU A 30 -10.53 -15.11 9.10
C LEU A 30 -11.75 -15.56 9.89
N ASP A 31 -11.55 -16.51 10.81
CA ASP A 31 -12.66 -17.00 11.63
C ASP A 31 -13.23 -15.89 12.51
N VAL A 32 -12.35 -15.06 13.08
CA VAL A 32 -12.79 -14.00 13.97
C VAL A 32 -13.36 -12.83 13.19
N LEU A 33 -12.64 -12.38 12.16
CA LEU A 33 -13.03 -11.16 11.46
C LEU A 33 -14.30 -11.35 10.64
N ILE A 34 -14.52 -12.54 10.09
CA ILE A 34 -15.58 -12.77 9.12
C ILE A 34 -16.64 -13.72 9.66
N ASP A 35 -16.23 -14.90 10.13
CA ASP A 35 -17.16 -16.02 10.35
C ASP A 35 -17.85 -15.93 11.72
N ASN A 36 -17.08 -16.12 12.80
CA ASN A 36 -17.63 -16.26 14.14
C ASN A 36 -17.55 -14.97 14.96
N GLY A 37 -16.35 -14.41 15.08
CA GLY A 37 -16.10 -13.32 15.99
C GLY A 37 -15.17 -13.75 17.12
N LEU A 38 -15.17 -12.96 18.19
CA LEU A 38 -14.38 -13.28 19.37
C LEU A 38 -15.08 -14.39 20.13
N ASN A 39 -14.70 -15.64 19.88
CA ASN A 39 -15.31 -16.78 20.56
C ASN A 39 -14.29 -17.43 21.48
N PRO A 40 -14.57 -17.52 22.80
CA PRO A 40 -15.76 -16.94 23.40
C PRO A 40 -15.54 -15.49 23.85
N PRO A 41 -16.63 -14.76 24.10
CA PRO A 41 -16.49 -13.40 24.64
C PRO A 41 -15.89 -13.45 26.04
N GLY A 42 -14.73 -12.82 26.21
CA GLY A 42 -14.03 -12.81 27.48
C GLY A 42 -14.68 -11.86 28.46
N PRO A 43 -14.06 -11.69 29.63
CA PRO A 43 -14.63 -10.81 30.66
C PRO A 43 -14.72 -9.38 30.15
N PRO A 44 -15.89 -8.74 30.31
CA PRO A 44 -16.07 -7.38 29.79
C PRO A 44 -15.06 -6.41 30.41
N LYS A 45 -14.40 -5.64 29.54
CA LYS A 45 -13.34 -4.74 29.95
C LYS A 45 -13.59 -3.34 29.38
N ARG A 46 -12.96 -2.36 30.03
CA ARG A 46 -12.88 -1.00 29.49
C ARG A 46 -11.60 -0.90 28.67
N ILE A 47 -11.73 -0.69 27.36
CA ILE A 47 -10.62 -0.75 26.43
C ILE A 47 -10.48 0.60 25.74
N LEU A 48 -9.27 1.16 25.78
CA LEU A 48 -8.94 2.39 25.07
C LEU A 48 -8.19 2.03 23.79
N ILE A 49 -8.65 2.59 22.67
CA ILE A 49 -8.02 2.37 21.37
C ILE A 49 -7.60 3.73 20.82
N VAL A 50 -6.32 3.87 20.51
CA VAL A 50 -5.77 5.12 20.01
C VAL A 50 -5.62 5.00 18.50
N GLY A 51 -6.32 5.88 17.77
CA GLY A 51 -6.25 5.89 16.32
C GLY A 51 -7.44 5.23 15.67
N ALA A 52 -8.07 5.93 14.73
CA ALA A 52 -9.26 5.44 14.03
C ALA A 52 -8.97 5.09 12.58
N GLY A 53 -7.77 4.58 12.32
CA GLY A 53 -7.47 3.96 11.05
C GLY A 53 -8.05 2.56 10.99
N ILE A 54 -7.71 1.84 9.92
CA ILE A 54 -8.29 0.51 9.71
C ILE A 54 -7.95 -0.44 10.85
N ALA A 55 -6.83 -0.22 11.53
CA ALA A 55 -6.46 -1.09 12.65
C ALA A 55 -7.32 -0.79 13.88
N GLY A 56 -7.46 0.49 14.22
CA GLY A 56 -8.29 0.86 15.35
C GLY A 56 -9.77 0.58 15.13
N LEU A 57 -10.23 0.64 13.87
CA LEU A 57 -11.63 0.39 13.57
C LEU A 57 -11.94 -1.10 13.59
N VAL A 58 -11.06 -1.92 13.02
CA VAL A 58 -11.27 -3.37 13.02
C VAL A 58 -11.27 -3.90 14.45
N ALA A 59 -10.30 -3.46 15.25
CA ALA A 59 -10.26 -3.88 16.65
C ALA A 59 -11.42 -3.28 17.44
N GLY A 60 -11.79 -2.04 17.14
CA GLY A 60 -12.90 -1.42 17.85
C GLY A 60 -14.22 -2.10 17.57
N ASP A 61 -14.49 -2.41 16.30
CA ASP A 61 -15.72 -3.10 15.94
C ASP A 61 -15.78 -4.47 16.61
N LEU A 62 -14.69 -5.24 16.53
CA LEU A 62 -14.69 -6.59 17.08
C LEU A 62 -14.91 -6.59 18.59
N LEU A 63 -14.26 -5.68 19.31
CA LEU A 63 -14.38 -5.65 20.76
C LEU A 63 -15.70 -5.05 21.22
N THR A 64 -16.28 -4.15 20.44
CA THR A 64 -17.59 -3.60 20.80
C THR A 64 -18.67 -4.67 20.67
N ARG A 65 -18.66 -5.42 19.56
CA ARG A 65 -19.62 -6.50 19.36
C ARG A 65 -19.39 -7.67 20.31
N ALA A 66 -18.25 -7.71 21.01
CA ALA A 66 -17.95 -8.78 21.95
C ALA A 66 -18.36 -8.42 23.38
N GLY A 67 -18.85 -7.21 23.61
CA GLY A 67 -19.38 -6.81 24.91
C GLY A 67 -18.55 -5.78 25.64
N HIS A 68 -17.30 -5.56 25.24
CA HIS A 68 -16.43 -4.64 25.96
C HIS A 68 -16.87 -3.19 25.75
N ASP A 69 -16.42 -2.33 26.65
CA ASP A 69 -16.69 -0.90 26.60
C ASP A 69 -15.49 -0.23 25.95
N VAL A 70 -15.64 0.13 24.68
CA VAL A 70 -14.54 0.59 23.84
C VAL A 70 -14.71 2.09 23.60
N THR A 71 -13.61 2.83 23.71
CA THR A 71 -13.53 4.21 23.28
C THR A 71 -12.33 4.35 22.35
N ILE A 72 -12.56 4.87 21.15
CA ILE A 72 -11.52 5.02 20.14
C ILE A 72 -11.18 6.51 20.05
N LEU A 73 -9.97 6.87 20.48
CA LEU A 73 -9.52 8.25 20.44
C LEU A 73 -8.84 8.51 19.10
N GLU A 74 -9.34 9.50 18.36
CA GLU A 74 -8.84 9.81 17.02
C GLU A 74 -8.40 11.27 16.99
N ALA A 75 -7.15 11.49 16.56
CA ALA A 75 -6.61 12.85 16.55
C ALA A 75 -7.26 13.70 15.48
N ASN A 76 -7.50 13.13 14.29
CA ASN A 76 -8.15 13.87 13.21
C ASN A 76 -9.52 14.35 13.67
N ALA A 77 -9.87 15.58 13.28
CA ALA A 77 -11.10 16.20 13.72
C ALA A 77 -12.27 15.95 12.79
N ASN A 78 -12.04 15.58 11.54
CA ASN A 78 -13.11 15.43 10.57
C ASN A 78 -13.14 14.09 9.85
N ARG A 79 -12.03 13.34 9.79
CA ARG A 79 -11.93 12.19 8.92
C ARG A 79 -11.36 10.99 9.67
N VAL A 80 -11.98 9.83 9.45
CA VAL A 80 -11.47 8.57 9.95
C VAL A 80 -10.76 7.84 8.82
N GLY A 81 -10.13 6.72 9.14
CA GLY A 81 -9.46 5.91 8.15
C GLY A 81 -7.95 6.08 8.08
N GLY A 82 -7.42 7.19 8.58
CA GLY A 82 -5.99 7.41 8.60
C GLY A 82 -5.37 7.45 7.22
N ARG A 83 -4.52 6.48 6.92
CA ARG A 83 -3.84 6.41 5.63
C ARG A 83 -4.74 5.88 4.52
N ILE A 84 -6.02 5.64 4.81
CA ILE A 84 -7.04 5.38 3.79
C ILE A 84 -7.76 6.70 3.57
N LYS A 85 -7.38 7.43 2.53
CA LYS A 85 -7.89 8.78 2.29
C LYS A 85 -8.25 8.93 0.82
N THR A 86 -9.49 9.32 0.55
CA THR A 86 -10.00 9.49 -0.80
C THR A 86 -10.45 10.93 -1.01
N PHE A 87 -9.98 11.54 -2.09
CA PHE A 87 -10.40 12.89 -2.47
C PHE A 87 -11.76 12.79 -3.16
N HIS A 88 -12.83 12.97 -2.39
CA HIS A 88 -14.18 12.96 -2.95
C HIS A 88 -14.93 14.19 -2.47
N ALA A 89 -16.07 14.45 -3.13
CA ALA A 89 -16.86 15.63 -2.84
C ALA A 89 -17.73 15.39 -1.62
N LYS A 90 -17.42 16.07 -0.52
CA LYS A 90 -18.26 16.02 0.65
C LYS A 90 -19.41 17.02 0.53
N LYS A 91 -20.45 16.81 1.35
CA LYS A 91 -21.73 17.47 1.12
C LYS A 91 -21.62 18.99 1.22
N GLY A 92 -20.97 19.49 2.29
CA GLY A 92 -20.88 20.92 2.48
C GLY A 92 -19.75 21.55 1.69
N GLU A 93 -18.54 21.01 1.88
CA GLU A 93 -17.29 21.38 1.22
C GLU A 93 -17.46 21.59 -0.28
N PRO A 94 -16.64 22.44 -0.91
CA PRO A 94 -16.51 22.38 -2.37
C PRO A 94 -15.82 21.10 -2.80
N SER A 95 -16.09 20.69 -4.04
CA SER A 95 -15.55 19.44 -4.53
C SER A 95 -14.05 19.56 -4.79
N PRO A 96 -13.29 18.49 -4.57
CA PRO A 96 -11.83 18.59 -4.77
C PRO A 96 -11.43 18.78 -6.22
N PHE A 97 -12.28 18.39 -7.17
CA PHE A 97 -12.03 18.57 -8.59
C PHE A 97 -13.15 19.38 -9.21
N ALA A 98 -13.00 19.71 -10.49
CA ALA A 98 -14.04 20.47 -11.19
C ALA A 98 -15.32 19.65 -11.31
N ASP A 99 -15.22 18.44 -11.83
CA ASP A 99 -16.36 17.53 -11.86
C ASP A 99 -16.66 17.07 -10.45
N PRO A 100 -17.84 17.37 -9.89
CA PRO A 100 -18.12 16.97 -8.50
C PRO A 100 -18.22 15.47 -8.31
N ALA A 101 -18.35 14.68 -9.39
CA ALA A 101 -18.44 13.24 -9.28
C ALA A 101 -17.08 12.56 -9.32
N GLN A 102 -16.02 13.29 -9.62
CA GLN A 102 -14.70 12.69 -9.75
C GLN A 102 -14.05 12.49 -8.40
N TYR A 103 -13.33 11.38 -8.26
CA TYR A 103 -12.61 11.09 -7.02
C TYR A 103 -11.32 10.35 -7.35
N ALA A 104 -10.38 10.42 -6.42
CA ALA A 104 -9.09 9.74 -6.54
C ALA A 104 -8.55 9.44 -5.16
N GLU A 105 -7.57 8.56 -5.10
CA GLU A 105 -7.04 8.09 -3.82
C GLU A 105 -5.82 8.91 -3.41
N ALA A 106 -5.80 9.33 -2.15
CA ALA A 106 -4.61 9.93 -1.54
C ALA A 106 -3.70 8.90 -0.88
N GLY A 107 -4.23 7.74 -0.54
CA GLY A 107 -3.45 6.68 0.07
C GLY A 107 -3.67 5.33 -0.60
N ALA A 108 -4.29 4.40 0.11
CA ALA A 108 -4.46 3.05 -0.41
C ALA A 108 -5.36 3.04 -1.64
N MET A 109 -4.98 2.24 -2.64
CA MET A 109 -5.73 2.19 -3.90
C MET A 109 -5.92 0.79 -4.46
N ARG A 110 -5.01 -0.16 -4.25
CA ARG A 110 -5.12 -1.49 -4.82
CA ARG A 110 -5.12 -1.49 -4.82
C ARG A 110 -5.06 -2.54 -3.72
N LEU A 111 -5.91 -3.55 -3.84
CA LEU A 111 -6.01 -4.62 -2.84
C LEU A 111 -5.79 -5.97 -3.51
N PRO A 112 -4.71 -6.68 -3.20
CA PRO A 112 -4.41 -7.93 -3.91
C PRO A 112 -5.34 -9.06 -3.50
N SER A 113 -5.37 -10.10 -4.34
N SER A 113 -5.36 -10.10 -4.34
CA SER A 113 -6.15 -11.30 -4.07
CA SER A 113 -6.16 -11.29 -4.06
C SER A 113 -5.55 -12.16 -2.97
C SER A 113 -5.54 -12.18 -2.98
N PHE A 114 -4.23 -12.08 -2.77
CA PHE A 114 -3.55 -12.85 -1.72
C PHE A 114 -3.60 -12.14 -0.37
N HIS A 115 -4.51 -11.17 -0.19
CA HIS A 115 -4.78 -10.54 1.09
C HIS A 115 -6.23 -10.83 1.43
N PRO A 116 -6.52 -12.00 2.00
CA PRO A 116 -7.93 -12.42 2.14
C PRO A 116 -8.69 -11.64 3.19
N LEU A 117 -8.03 -11.24 4.29
CA LEU A 117 -8.74 -10.56 5.37
C LEU A 117 -9.38 -9.26 4.88
N THR A 118 -8.61 -8.45 4.15
CA THR A 118 -9.13 -7.17 3.68
C THR A 118 -10.24 -7.35 2.66
N LEU A 119 -10.06 -8.29 1.72
CA LEU A 119 -11.07 -8.52 0.70
C LEU A 119 -12.36 -9.06 1.30
N ALA A 120 -12.25 -10.04 2.21
CA ALA A 120 -13.43 -10.60 2.84
C ALA A 120 -14.14 -9.57 3.72
N LEU A 121 -13.37 -8.71 4.38
CA LEU A 121 -13.97 -7.65 5.18
C LEU A 121 -14.76 -6.68 4.32
N ILE A 122 -14.25 -6.37 3.13
CA ILE A 122 -14.95 -5.49 2.20
C ILE A 122 -16.28 -6.11 1.80
N ASP A 123 -16.28 -7.40 1.49
CA ASP A 123 -17.51 -8.08 1.10
C ASP A 123 -18.50 -8.13 2.27
N LYS A 124 -18.02 -8.49 3.46
CA LYS A 124 -18.90 -8.60 4.62
C LYS A 124 -19.64 -7.30 4.90
N LEU A 125 -18.98 -6.15 4.67
CA LEU A 125 -19.63 -4.86 4.87
C LEU A 125 -20.53 -4.46 3.71
N GLY A 126 -20.65 -5.30 2.68
CA GLY A 126 -21.57 -5.01 1.59
C GLY A 126 -21.07 -3.99 0.58
N LEU A 127 -19.75 -3.91 0.39
CA LEU A 127 -19.17 -2.96 -0.56
C LEU A 127 -18.81 -3.67 -1.86
N LYS A 128 -19.14 -3.02 -2.97
CA LYS A 128 -18.80 -3.56 -4.29
C LYS A 128 -17.35 -3.27 -4.61
N ARG A 129 -16.65 -4.26 -5.15
CA ARG A 129 -15.26 -4.12 -5.53
C ARG A 129 -15.08 -4.46 -7.01
N ARG A 130 -14.30 -3.65 -7.70
CA ARG A 130 -13.98 -3.84 -9.11
C ARG A 130 -12.52 -4.25 -9.26
N LEU A 131 -12.17 -4.68 -10.46
CA LEU A 131 -10.78 -5.01 -10.76
C LEU A 131 -9.94 -3.75 -10.78
N PHE A 132 -8.78 -3.80 -10.13
CA PHE A 132 -7.78 -2.74 -10.23
C PHE A 132 -6.76 -3.16 -11.28
N PHE A 133 -6.69 -2.40 -12.37
CA PHE A 133 -5.83 -2.75 -13.50
C PHE A 133 -4.43 -2.26 -13.20
N ASN A 134 -3.64 -3.13 -12.55
CA ASN A 134 -2.24 -2.82 -12.30
C ASN A 134 -1.45 -2.71 -13.60
N VAL A 135 -1.81 -3.50 -14.60
CA VAL A 135 -1.29 -3.40 -15.95
C VAL A 135 -2.45 -3.05 -16.87
N ASP A 136 -2.21 -2.15 -17.83
CA ASP A 136 -3.27 -1.72 -18.73
C ASP A 136 -3.82 -2.91 -19.51
N ILE A 137 -5.12 -2.87 -19.79
CA ILE A 137 -5.87 -4.02 -20.27
C ILE A 137 -6.57 -3.69 -21.57
N ASP A 138 -7.14 -4.72 -22.19
CA ASP A 138 -7.99 -4.56 -23.36
C ASP A 138 -9.43 -4.44 -22.89
N PRO A 139 -10.07 -3.28 -23.03
CA PRO A 139 -11.45 -3.14 -22.53
C PRO A 139 -12.47 -3.96 -23.31
N GLN A 140 -12.09 -4.55 -24.45
CA GLN A 140 -12.97 -5.39 -25.24
C GLN A 140 -12.79 -6.87 -24.94
N THR A 141 -12.24 -7.21 -23.76
CA THR A 141 -12.04 -8.59 -23.36
C THR A 141 -12.53 -8.78 -21.94
N GLY A 142 -12.67 -10.03 -21.54
CA GLY A 142 -13.11 -10.36 -20.20
C GLY A 142 -14.60 -10.10 -19.99
N ASN A 143 -15.06 -10.42 -18.78
CA ASN A 143 -16.45 -10.23 -18.40
C ASN A 143 -16.48 -9.78 -16.94
N GLN A 144 -16.61 -8.48 -16.73
CA GLN A 144 -16.75 -7.91 -15.39
C GLN A 144 -18.21 -7.67 -15.02
N ASP A 145 -19.15 -7.98 -15.91
CA ASP A 145 -20.56 -7.90 -15.57
C ASP A 145 -21.01 -9.05 -14.68
N ALA A 146 -20.31 -10.18 -14.75
CA ALA A 146 -20.63 -11.33 -13.92
C ALA A 146 -20.38 -11.00 -12.45
N PRO A 147 -21.00 -11.75 -11.52
CA PRO A 147 -20.75 -11.52 -10.11
C PRO A 147 -19.27 -11.68 -9.78
N VAL A 148 -18.82 -10.90 -8.79
CA VAL A 148 -17.40 -10.86 -8.45
C VAL A 148 -16.99 -12.17 -7.81
N PRO A 149 -15.87 -12.78 -8.20
CA PRO A 149 -15.50 -14.08 -7.64
C PRO A 149 -15.23 -13.95 -6.14
N PRO A 150 -15.51 -15.01 -5.39
CA PRO A 150 -15.32 -14.94 -3.93
C PRO A 150 -13.84 -14.90 -3.57
N VAL A 151 -13.58 -14.51 -2.33
CA VAL A 151 -12.23 -14.48 -1.80
C VAL A 151 -11.81 -15.89 -1.42
N PHE A 152 -10.67 -16.33 -1.96
CA PHE A 152 -10.17 -17.69 -1.75
C PHE A 152 -8.76 -17.62 -1.21
N TYR A 153 -8.50 -18.39 -0.15
CA TYR A 153 -7.19 -18.45 0.47
C TYR A 153 -6.79 -19.90 0.67
N LYS A 154 -5.53 -20.21 0.36
CA LYS A 154 -4.98 -21.55 0.53
C LYS A 154 -3.96 -21.51 1.66
N SER A 155 -4.13 -22.39 2.64
CA SER A 155 -3.25 -22.45 3.78
C SER A 155 -2.12 -23.43 3.56
N PHE A 156 -0.99 -23.17 4.22
CA PHE A 156 0.10 -24.14 4.25
C PHE A 156 -0.29 -25.39 5.01
N LYS A 157 -1.23 -25.25 5.96
CA LYS A 157 -1.63 -26.36 6.82
C LYS A 157 -2.39 -27.39 6.01
N ASP A 158 -1.75 -28.53 5.75
CA ASP A 158 -2.40 -29.65 5.06
C ASP A 158 -3.00 -29.20 3.73
N GLY A 159 -4.31 -29.37 3.59
CA GLY A 159 -5.00 -28.92 2.40
C GLY A 159 -6.19 -28.03 2.74
N LYS A 160 -6.14 -27.36 3.88
CA LYS A 160 -7.25 -26.53 4.31
C LYS A 160 -7.30 -25.22 3.53
N THR A 161 -8.51 -24.80 3.18
CA THR A 161 -8.74 -23.56 2.45
C THR A 161 -9.84 -22.76 3.14
N TRP A 162 -10.03 -21.54 2.67
CA TRP A 162 -11.06 -20.65 3.19
C TRP A 162 -11.65 -19.88 2.02
N THR A 163 -12.97 -19.86 1.92
CA THR A 163 -13.64 -19.21 0.80
C THR A 163 -14.80 -18.36 1.30
N ASN A 164 -15.02 -17.24 0.61
CA ASN A 164 -16.05 -16.27 0.93
C ASN A 164 -17.43 -16.67 0.43
N GLY A 165 -17.52 -17.33 -0.72
CA GLY A 165 -18.83 -17.69 -1.25
C GLY A 165 -18.71 -18.62 -2.43
N ALA A 166 -19.82 -18.79 -3.14
CA ALA A 166 -19.84 -19.69 -4.28
C ALA A 166 -18.98 -19.12 -5.42
N PRO A 167 -18.33 -19.99 -6.20
CA PRO A 167 -17.45 -19.51 -7.27
C PRO A 167 -18.20 -18.74 -8.34
N SER A 168 -17.44 -18.04 -9.18
CA SER A 168 -17.97 -17.22 -10.26
C SER A 168 -17.26 -17.62 -11.55
N PRO A 169 -17.77 -18.64 -12.24
CA PRO A 169 -17.03 -19.16 -13.42
C PRO A 169 -17.11 -18.26 -14.64
N GLU A 170 -18.10 -17.37 -14.73
CA GLU A 170 -18.24 -16.51 -15.90
C GLU A 170 -17.46 -15.20 -15.76
N PHE A 171 -17.10 -14.80 -14.54
CA PHE A 171 -16.25 -13.63 -14.38
C PHE A 171 -14.87 -13.90 -14.97
N LYS A 172 -14.40 -12.98 -15.80
CA LYS A 172 -13.12 -13.13 -16.47
C LYS A 172 -12.38 -11.80 -16.46
N GLU A 173 -11.09 -11.85 -16.14
CA GLU A 173 -10.28 -10.64 -16.16
C GLU A 173 -10.00 -10.24 -17.61
N PRO A 174 -10.03 -8.95 -17.93
CA PRO A 174 -9.66 -8.52 -19.28
C PRO A 174 -8.20 -8.84 -19.57
N ASP A 175 -7.90 -9.09 -20.84
CA ASP A 175 -6.54 -9.39 -21.25
C ASP A 175 -5.68 -8.14 -21.12
N LYS A 176 -4.45 -8.33 -20.65
CA LYS A 176 -3.52 -7.22 -20.49
C LYS A 176 -2.91 -6.83 -21.83
N ARG A 177 -2.73 -5.53 -22.03
CA ARG A 177 -2.19 -4.99 -23.28
C ARG A 177 -0.72 -4.61 -23.17
N ASN A 178 -0.29 -4.07 -22.02
CA ASN A 178 1.06 -3.54 -21.85
C ASN A 178 1.36 -2.49 -22.91
N HIS A 179 0.36 -1.68 -23.24
CA HIS A 179 0.51 -0.59 -24.19
C HIS A 179 0.93 0.70 -23.50
N THR A 180 1.07 0.71 -22.17
CA THR A 180 1.54 1.89 -21.47
C THR A 180 3.03 2.09 -21.72
N TRP A 181 3.54 3.23 -21.24
CA TRP A 181 4.85 3.73 -21.64
C TRP A 181 5.94 3.39 -20.64
N ILE A 182 7.16 3.30 -21.15
CA ILE A 182 8.38 3.31 -20.35
C ILE A 182 9.31 4.31 -21.02
N ARG A 183 9.49 5.47 -20.41
CA ARG A 183 10.33 6.52 -20.97
C ARG A 183 11.53 6.75 -20.06
N THR A 184 12.69 6.26 -20.49
CA THR A 184 13.94 6.43 -19.77
C THR A 184 15.02 6.90 -20.73
N ASN A 185 15.88 7.79 -20.25
CA ASN A 185 17.03 8.29 -21.00
C ASN A 185 16.61 8.83 -22.36
N ARG A 186 15.57 9.66 -22.35
CA ARG A 186 15.08 10.37 -23.54
C ARG A 186 14.59 9.44 -24.64
N GLU A 187 14.32 8.18 -24.31
CA GLU A 187 13.71 7.24 -25.25
C GLU A 187 12.46 6.64 -24.62
N GLN A 188 11.50 6.30 -25.46
CA GLN A 188 10.15 5.96 -25.01
C GLN A 188 9.62 4.80 -25.82
N VAL A 189 9.41 3.66 -25.16
CA VAL A 189 8.81 2.49 -25.80
C VAL A 189 7.59 2.08 -25.01
N ARG A 190 6.96 0.99 -25.40
CA ARG A 190 5.79 0.46 -24.71
C ARG A 190 6.15 -0.85 -24.01
N ARG A 191 5.43 -1.15 -22.94
CA ARG A 191 5.77 -2.29 -22.10
C ARG A 191 5.74 -3.60 -22.87
N ALA A 192 4.85 -3.71 -23.88
CA ALA A 192 4.84 -4.91 -24.69
C ALA A 192 6.09 -5.00 -25.56
N GLN A 193 6.55 -3.86 -26.09
CA GLN A 193 7.76 -3.87 -26.91
C GLN A 193 9.01 -4.10 -26.07
N TYR A 194 9.03 -3.56 -24.85
CA TYR A 194 10.18 -3.79 -23.97
C TYR A 194 10.28 -5.26 -23.56
N ALA A 195 9.14 -5.94 -23.40
CA ALA A 195 9.17 -7.35 -23.04
C ALA A 195 9.75 -8.20 -24.16
N THR A 196 9.40 -7.88 -25.40
CA THR A 196 9.90 -8.67 -26.53
C THR A 196 11.36 -8.37 -26.84
N ASP A 197 11.75 -7.10 -26.75
CA ASP A 197 13.12 -6.68 -27.02
C ASP A 197 13.51 -5.57 -26.05
N PRO A 198 14.04 -5.94 -24.88
CA PRO A 198 14.51 -4.92 -23.93
C PRO A 198 15.84 -4.29 -24.30
N SER A 199 16.41 -4.63 -25.46
CA SER A 199 17.78 -4.25 -25.76
C SER A 199 17.93 -2.73 -25.87
N SER A 200 16.95 -2.05 -26.48
CA SER A 200 17.06 -0.63 -26.75
C SER A 200 17.01 0.19 -25.47
N ILE A 201 16.08 -0.15 -24.57
CA ILE A 201 15.97 0.57 -23.31
C ILE A 201 17.17 0.27 -22.41
N ASN A 202 17.55 -1.01 -22.32
CA ASN A 202 18.66 -1.36 -21.44
C ASN A 202 19.95 -0.69 -21.86
N GLU A 203 20.17 -0.56 -23.17
CA GLU A 203 21.34 0.17 -23.65
C GLU A 203 21.28 1.64 -23.25
N GLY A 204 20.09 2.18 -23.03
CA GLY A 204 19.96 3.55 -22.56
C GLY A 204 20.55 3.74 -21.17
N PHE A 205 20.56 2.69 -20.36
CA PHE A 205 21.24 2.71 -19.07
C PHE A 205 22.70 2.27 -19.19
N HIS A 206 23.23 2.23 -20.40
CA HIS A 206 24.63 1.88 -20.65
C HIS A 206 24.94 0.45 -20.21
N LEU A 207 24.00 -0.46 -20.46
CA LEU A 207 24.22 -1.88 -20.23
C LEU A 207 24.88 -2.51 -21.44
N THR A 208 25.65 -3.58 -21.19
CA THR A 208 26.38 -4.25 -22.24
C THR A 208 26.30 -5.76 -22.04
N GLY A 209 26.42 -6.48 -23.15
CA GLY A 209 26.52 -7.93 -23.10
C GLY A 209 25.21 -8.64 -22.85
N CYS A 210 25.24 -9.63 -21.94
CA CYS A 210 24.08 -10.50 -21.74
C CYS A 210 22.93 -9.74 -21.08
N GLU A 211 23.24 -8.80 -20.17
CA GLU A 211 22.19 -8.09 -19.46
C GLU A 211 21.34 -7.24 -20.38
N THR A 212 21.84 -6.91 -21.57
CA THR A 212 21.07 -6.10 -22.50
C THR A 212 19.85 -6.86 -23.02
N ARG A 213 19.99 -8.16 -23.27
CA ARG A 213 18.90 -8.96 -23.82
C ARG A 213 17.98 -9.53 -22.75
N LEU A 214 17.99 -8.97 -21.54
CA LEU A 214 17.13 -9.42 -20.45
C LEU A 214 16.37 -8.22 -19.89
N THR A 215 15.07 -8.39 -19.68
CA THR A 215 14.28 -7.33 -19.05
C THR A 215 14.68 -7.18 -17.59
N VAL A 216 14.51 -5.96 -17.07
CA VAL A 216 14.83 -5.73 -15.66
C VAL A 216 14.00 -6.67 -14.78
N SER A 217 12.78 -7.02 -15.20
CA SER A 217 11.94 -7.94 -14.43
C SER A 217 12.61 -9.31 -14.31
N ASP A 218 13.04 -9.87 -15.45
CA ASP A 218 13.66 -11.19 -15.43
C ASP A 218 14.96 -11.19 -14.64
N MET A 219 15.74 -10.11 -14.76
CA MET A 219 16.99 -10.01 -14.00
C MET A 219 16.73 -10.13 -12.51
N VAL A 220 15.68 -9.46 -12.01
CA VAL A 220 15.37 -9.51 -10.59
C VAL A 220 14.99 -10.93 -10.17
N ASN A 221 14.13 -11.58 -10.95
CA ASN A 221 13.64 -12.90 -10.56
C ASN A 221 14.75 -13.95 -10.61
N GLN A 222 15.64 -13.85 -11.58
CA GLN A 222 16.77 -14.77 -11.63
C GLN A 222 17.66 -14.61 -10.40
N ALA A 223 17.84 -13.38 -9.93
CA ALA A 223 18.68 -13.13 -8.77
C ALA A 223 18.03 -13.61 -7.48
N LEU A 224 16.70 -13.64 -7.43
CA LEU A 224 15.98 -14.09 -6.24
C LEU A 224 15.74 -15.59 -6.22
N GLU A 225 16.10 -16.31 -7.29
CA GLU A 225 15.90 -17.75 -7.33
C GLU A 225 16.66 -18.49 -6.24
N PRO A 226 17.96 -18.26 -6.03
CA PRO A 226 18.65 -18.98 -4.94
C PRO A 226 18.09 -18.65 -3.56
N VAL A 227 17.57 -17.44 -3.37
CA VAL A 227 16.92 -17.10 -2.11
C VAL A 227 15.63 -17.89 -1.95
N ARG A 228 14.83 -17.99 -3.02
CA ARG A 228 13.59 -18.75 -2.97
C ARG A 228 13.86 -20.23 -2.73
N ASP A 229 15.03 -20.72 -3.12
CA ASP A 229 15.39 -22.12 -2.91
C ASP A 229 15.52 -22.49 -1.44
N TYR A 230 15.57 -21.50 -0.55
CA TYR A 230 15.64 -21.78 0.88
C TYR A 230 14.37 -22.48 1.36
N TYR A 231 13.21 -21.88 1.09
CA TYR A 231 11.93 -22.37 1.56
C TYR A 231 11.13 -23.11 0.50
N SER A 232 11.53 -23.02 -0.77
CA SER A 232 10.74 -23.50 -1.89
C SER A 232 11.57 -24.43 -2.77
N VAL A 233 10.89 -25.08 -3.71
CA VAL A 233 11.51 -25.90 -4.73
C VAL A 233 10.96 -25.46 -6.08
N LYS A 234 11.84 -25.15 -7.02
CA LYS A 234 11.40 -24.79 -8.36
C LYS A 234 11.06 -26.05 -9.14
N GLN A 235 9.85 -26.10 -9.69
CA GLN A 235 9.40 -27.22 -10.49
C GLN A 235 9.79 -27.02 -11.95
N ASP A 236 9.57 -28.06 -12.75
CA ASP A 236 9.75 -27.93 -14.20
C ASP A 236 8.62 -27.14 -14.84
N ASP A 237 7.53 -26.88 -14.12
CA ASP A 237 6.48 -26.02 -14.64
C ASP A 237 6.91 -24.57 -14.75
N GLY A 238 7.98 -24.18 -14.06
CA GLY A 238 8.23 -22.80 -13.72
C GLY A 238 7.54 -22.34 -12.45
N THR A 239 6.60 -23.14 -11.95
CA THR A 239 5.94 -22.90 -10.69
C THR A 239 6.81 -23.38 -9.54
N ARG A 240 6.59 -22.82 -8.36
CA ARG A 240 7.30 -23.23 -7.15
C ARG A 240 6.33 -23.78 -6.13
N VAL A 241 6.74 -24.85 -5.47
CA VAL A 241 6.01 -25.46 -4.36
C VAL A 241 6.84 -25.27 -3.10
N ASN A 242 6.18 -25.13 -1.96
CA ASN A 242 6.88 -24.99 -0.70
C ASN A 242 7.34 -26.35 -0.17
N LYS A 243 8.51 -26.34 0.46
CA LYS A 243 9.08 -27.52 1.09
C LYS A 243 8.19 -27.97 2.24
N PRO A 244 8.40 -29.17 2.80
CA PRO A 244 7.64 -29.56 3.99
C PRO A 244 7.79 -28.54 5.11
N PHE A 245 6.79 -28.50 6.00
CA PHE A 245 6.71 -27.44 7.00
C PHE A 245 8.01 -27.28 7.79
N LYS A 246 8.67 -28.39 8.11
CA LYS A 246 9.91 -28.32 8.86
C LYS A 246 10.98 -27.58 8.08
N GLU A 247 11.21 -27.97 6.83
CA GLU A 247 12.24 -27.33 6.01
C GLU A 247 11.78 -26.03 5.41
N TRP A 248 10.46 -25.80 5.34
CA TRP A 248 9.93 -24.54 4.83
C TRP A 248 10.05 -23.43 5.87
N LEU A 249 9.76 -23.75 7.14
CA LEU A 249 9.92 -22.78 8.21
C LEU A 249 11.40 -22.50 8.48
N ALA A 250 12.22 -23.54 8.49
CA ALA A 250 13.65 -23.34 8.69
C ALA A 250 14.30 -22.68 7.48
N GLY A 251 13.71 -22.85 6.30
CA GLY A 251 14.23 -22.19 5.12
C GLY A 251 14.03 -20.69 5.17
N TRP A 252 12.82 -20.26 5.54
CA TRP A 252 12.56 -18.83 5.71
C TRP A 252 13.41 -18.25 6.83
N ALA A 253 13.59 -19.00 7.91
CA ALA A 253 14.42 -18.53 9.02
C ALA A 253 15.87 -18.36 8.59
N ASP A 254 16.31 -19.12 7.60
CA ASP A 254 17.66 -18.95 7.06
C ASP A 254 17.76 -17.73 6.15
N VAL A 255 16.66 -17.38 5.47
CA VAL A 255 16.63 -16.14 4.70
C VAL A 255 16.81 -14.95 5.62
N VAL A 256 16.13 -14.97 6.78
CA VAL A 256 16.30 -13.91 7.77
C VAL A 256 17.76 -13.86 8.23
N ARG A 257 18.36 -15.02 8.49
CA ARG A 257 19.70 -15.08 9.03
C ARG A 257 20.73 -14.57 8.02
N ASP A 258 20.54 -14.87 6.74
CA ASP A 258 21.56 -14.62 5.74
C ASP A 258 21.32 -13.38 4.90
N PHE A 259 20.16 -12.72 5.03
CA PHE A 259 19.85 -11.60 4.15
C PHE A 259 19.26 -10.39 4.82
N ASP A 260 18.88 -10.44 6.10
CA ASP A 260 18.36 -9.23 6.75
C ASP A 260 19.46 -8.20 6.94
N GLY A 261 20.71 -8.62 7.07
CA GLY A 261 21.82 -7.69 7.09
C GLY A 261 22.17 -7.09 5.75
N TYR A 262 21.46 -7.50 4.70
CA TYR A 262 21.67 -6.95 3.35
C TYR A 262 20.67 -5.83 3.09
N SER A 263 21.13 -4.79 2.42
CA SER A 263 20.22 -3.90 1.73
C SER A 263 19.86 -4.53 0.38
N MET A 264 18.87 -3.95 -0.29
CA MET A 264 18.54 -4.44 -1.63
C MET A 264 19.64 -4.07 -2.62
N GLY A 265 20.24 -2.89 -2.47
CA GLY A 265 21.33 -2.50 -3.34
C GLY A 265 22.55 -3.38 -3.16
N ARG A 266 22.95 -3.61 -1.90
CA ARG A 266 24.08 -4.50 -1.63
C ARG A 266 23.79 -5.92 -2.10
N PHE A 267 22.53 -6.34 -2.06
CA PHE A 267 22.16 -7.67 -2.55
C PHE A 267 22.34 -7.76 -4.07
N LEU A 268 21.77 -6.80 -4.80
CA LEU A 268 21.87 -6.83 -6.26
C LEU A 268 23.30 -6.61 -6.73
N ARG A 269 24.13 -5.95 -5.93
CA ARG A 269 25.49 -5.62 -6.35
C ARG A 269 26.51 -6.67 -5.93
N GLU A 270 26.43 -7.19 -4.71
CA GLU A 270 27.41 -8.13 -4.19
C GLU A 270 26.98 -9.59 -4.32
N TYR A 271 25.73 -9.89 -4.01
CA TYR A 271 25.27 -11.27 -4.07
C TYR A 271 24.92 -11.67 -5.50
N ALA A 272 24.11 -10.86 -6.17
CA ALA A 272 23.72 -11.14 -7.55
C ALA A 272 24.75 -10.66 -8.56
N GLU A 273 25.71 -9.85 -8.14
CA GLU A 273 26.82 -9.41 -8.99
C GLU A 273 26.33 -8.66 -10.22
N PHE A 274 25.32 -7.82 -10.04
CA PHE A 274 24.87 -6.95 -11.13
C PHE A 274 25.75 -5.71 -11.21
N SER A 275 25.90 -5.20 -12.41
CA SER A 275 26.65 -3.96 -12.60
C SER A 275 25.87 -2.79 -12.02
N ASP A 276 26.59 -1.68 -11.78
CA ASP A 276 25.92 -0.44 -11.40
C ASP A 276 24.88 -0.04 -12.44
N GLU A 277 25.20 -0.22 -13.72
CA GLU A 277 24.26 0.10 -14.78
C GLU A 277 23.02 -0.79 -14.70
N ALA A 278 23.21 -2.06 -14.34
CA ALA A 278 22.08 -2.96 -14.19
C ALA A 278 21.17 -2.51 -13.05
N VAL A 279 21.76 -2.10 -11.92
CA VAL A 279 20.96 -1.64 -10.80
C VAL A 279 20.24 -0.35 -11.13
N GLU A 280 20.92 0.56 -11.85
CA GLU A 280 20.27 1.79 -12.29
C GLU A 280 19.06 1.50 -13.16
N ALA A 281 19.19 0.54 -14.08
CA ALA A 281 18.07 0.18 -14.94
C ALA A 281 16.97 -0.50 -14.13
N ILE A 282 17.33 -1.43 -13.26
CA ILE A 282 16.34 -2.13 -12.45
C ILE A 282 15.63 -1.15 -11.53
N GLY A 283 16.39 -0.37 -10.76
CA GLY A 283 15.78 0.55 -9.82
C GLY A 283 14.92 1.62 -10.48
N THR A 284 15.20 1.94 -11.74
CA THR A 284 14.41 2.95 -12.43
C THR A 284 13.09 2.38 -12.92
N ILE A 285 13.14 1.29 -13.66
CA ILE A 285 11.93 0.73 -14.26
C ILE A 285 11.09 -0.01 -13.23
N GLU A 286 11.72 -0.66 -12.24
CA GLU A 286 11.01 -1.46 -11.25
C GLU A 286 10.89 -0.78 -9.89
N ASN A 287 11.31 0.50 -9.78
CA ASN A 287 10.99 1.33 -8.61
C ASN A 287 11.79 0.95 -7.38
N MET A 288 13.08 0.66 -7.56
CA MET A 288 13.94 0.27 -6.45
C MET A 288 15.10 1.22 -6.22
N THR A 289 15.19 2.32 -6.99
CA THR A 289 16.25 3.30 -6.79
C THR A 289 16.32 3.77 -5.34
N SER A 290 15.22 4.34 -4.83
CA SER A 290 15.17 4.91 -3.48
C SER A 290 14.92 3.87 -2.40
N GLU A 291 14.86 2.58 -2.74
CA GLU A 291 14.78 1.52 -1.77
CA GLU A 291 14.78 1.52 -1.77
C GLU A 291 16.07 0.72 -1.66
N LEU A 292 17.06 1.03 -2.50
CA LEU A 292 18.34 0.31 -2.48
C LEU A 292 18.96 0.31 -1.09
N HIS A 293 19.03 1.48 -0.45
CA HIS A 293 19.65 1.60 0.86
C HIS A 293 18.77 1.07 1.98
N LEU A 294 17.55 0.65 1.69
CA LEU A 294 16.68 0.04 2.68
C LEU A 294 16.84 -1.47 2.68
N ALA A 295 16.20 -2.13 3.64
CA ALA A 295 16.43 -3.55 3.86
C ALA A 295 16.05 -4.38 2.65
N PHE A 296 16.89 -5.37 2.33
CA PHE A 296 16.56 -6.34 1.29
C PHE A 296 15.25 -7.05 1.60
N PHE A 297 15.06 -7.41 2.87
CA PHE A 297 13.88 -8.19 3.27
C PHE A 297 12.59 -7.42 3.01
N HIS A 298 12.62 -6.11 3.22
CA HIS A 298 11.43 -5.29 2.95
C HIS A 298 11.04 -5.37 1.48
N SER A 299 12.02 -5.22 0.59
CA SER A 299 11.72 -5.28 -0.84
C SER A 299 11.42 -6.69 -1.30
N PHE A 300 12.14 -7.68 -0.75
CA PHE A 300 11.97 -9.07 -1.19
C PHE A 300 10.60 -9.61 -0.81
N LEU A 301 9.98 -9.07 0.23
CA LEU A 301 8.74 -9.65 0.76
C LEU A 301 7.57 -9.48 -0.20
N GLY A 302 7.47 -8.35 -0.88
CA GLY A 302 6.36 -8.17 -1.81
C GLY A 302 6.51 -9.00 -3.06
N ARG A 303 7.73 -9.46 -3.35
CA ARG A 303 8.11 -9.91 -4.69
C ARG A 303 8.76 -11.29 -4.66
N SER A 304 8.74 -11.98 -3.51
CA SER A 304 9.02 -13.41 -3.47
C SER A 304 8.06 -14.19 -4.36
N ASP A 305 6.93 -13.59 -4.73
CA ASP A 305 6.09 -14.11 -5.79
C ASP A 305 6.81 -13.98 -7.13
N ILE A 306 6.67 -14.99 -7.98
CA ILE A 306 7.21 -14.93 -9.33
C ILE A 306 6.10 -14.67 -10.35
N ASP A 307 4.89 -14.44 -9.87
CA ASP A 307 3.76 -14.00 -10.67
C ASP A 307 2.97 -13.00 -9.84
N PRO A 308 3.56 -11.82 -9.47
CA PRO A 308 2.74 -10.76 -8.85
C PRO A 308 1.87 -10.08 -9.89
N ARG A 309 1.62 -10.86 -10.95
CA ARG A 309 0.66 -10.68 -12.02
C ARG A 309 -0.76 -11.02 -11.58
N ALA A 310 -0.99 -11.06 -10.26
CA ALA A 310 -2.25 -11.55 -9.73
C ALA A 310 -3.35 -10.51 -9.83
N THR A 311 -4.42 -10.71 -9.06
CA THR A 311 -5.63 -9.91 -9.15
C THR A 311 -5.61 -8.82 -8.08
N TYR A 312 -5.82 -7.57 -8.50
CA TYR A 312 -5.98 -6.45 -7.59
C TYR A 312 -7.43 -5.97 -7.64
N TRP A 313 -7.84 -5.30 -6.57
CA TRP A 313 -9.21 -4.83 -6.45
C TRP A 313 -9.24 -3.43 -5.87
N GLU A 314 -10.32 -2.71 -6.17
CA GLU A 314 -10.57 -1.40 -5.61
C GLU A 314 -12.07 -1.28 -5.34
N ILE A 315 -12.42 -0.41 -4.40
CA ILE A 315 -13.79 -0.30 -3.92
C ILE A 315 -14.52 0.76 -4.73
N GLU A 316 -15.75 0.45 -5.14
CA GLU A 316 -16.60 1.44 -5.79
C GLU A 316 -16.95 2.54 -4.80
N GLY A 317 -16.78 3.79 -5.22
CA GLY A 317 -16.98 4.93 -4.35
C GLY A 317 -15.73 5.40 -3.64
N GLY A 318 -14.64 4.64 -3.71
CA GLY A 318 -13.39 5.03 -3.09
C GLY A 318 -12.97 4.11 -1.96
N SER A 319 -11.66 4.04 -1.70
CA SER A 319 -11.16 3.23 -0.59
C SER A 319 -11.73 3.69 0.74
N ARG A 320 -12.18 4.94 0.84
CA ARG A 320 -12.75 5.46 2.07
C ARG A 320 -14.04 4.74 2.46
N MET A 321 -14.65 3.99 1.54
CA MET A 321 -15.87 3.25 1.88
C MET A 321 -15.60 2.23 2.98
N LEU A 322 -14.41 1.62 2.98
CA LEU A 322 -14.12 0.58 3.95
C LEU A 322 -14.04 1.13 5.37
N PRO A 323 -13.22 2.15 5.68
CA PRO A 323 -13.22 2.64 7.07
C PRO A 323 -14.49 3.36 7.47
N GLU A 324 -15.12 4.08 6.55
CA GLU A 324 -16.33 4.81 6.90
C GLU A 324 -17.49 3.86 7.22
N THR A 325 -17.60 2.76 6.48
CA THR A 325 -18.64 1.78 6.78
C THR A 325 -18.43 1.18 8.17
N LEU A 326 -17.19 0.86 8.52
CA LEU A 326 -16.91 0.38 9.87
C LEU A 326 -17.24 1.44 10.90
N ALA A 327 -17.00 2.71 10.59
CA ALA A 327 -17.25 3.80 11.52
C ALA A 327 -18.73 3.98 11.81
N LYS A 328 -19.62 3.47 10.95
CA LYS A 328 -21.05 3.59 11.21
C LYS A 328 -21.48 2.74 12.40
N ASP A 329 -20.83 1.60 12.60
CA ASP A 329 -21.12 0.73 13.73
C ASP A 329 -20.35 1.10 14.99
N LEU A 330 -19.74 2.28 15.02
CA LEU A 330 -18.93 2.71 16.15
C LEU A 330 -19.19 4.18 16.48
N ARG A 331 -20.46 4.60 16.37
CA ARG A 331 -20.78 6.01 16.56
C ARG A 331 -20.57 6.44 18.01
N ASP A 332 -20.95 5.61 18.97
CA ASP A 332 -20.78 5.95 20.37
C ASP A 332 -19.34 5.80 20.83
N GLN A 333 -18.53 5.01 20.13
CA GLN A 333 -17.19 4.67 20.59
C GLN A 333 -16.13 5.63 20.08
N ILE A 334 -16.34 6.25 18.93
CA ILE A 334 -15.32 7.06 18.27
C ILE A 334 -15.38 8.49 18.81
N VAL A 335 -14.25 8.97 19.32
CA VAL A 335 -14.11 10.35 19.78
C VAL A 335 -13.13 11.05 18.84
N MET A 336 -13.61 12.09 18.17
CA MET A 336 -12.81 12.79 17.18
C MET A 336 -12.09 13.99 17.80
N GLY A 337 -11.00 14.40 17.15
CA GLY A 337 -10.30 15.61 17.53
C GLY A 337 -9.57 15.53 18.85
N GLN A 338 -9.13 14.34 19.27
CA GLN A 338 -8.43 14.15 20.54
C GLN A 338 -7.12 13.43 20.26
N ARG A 339 -6.00 14.12 20.45
CA ARG A 339 -4.67 13.59 20.15
C ARG A 339 -3.97 13.19 21.44
N MET A 340 -3.53 11.93 21.51
CA MET A 340 -2.84 11.42 22.68
C MET A 340 -1.49 12.09 22.83
N VAL A 341 -1.26 12.72 23.97
CA VAL A 341 0.02 13.35 24.28
C VAL A 341 0.72 12.70 25.46
N ARG A 342 0.03 11.91 26.27
CA ARG A 342 0.62 11.31 27.46
C ARG A 342 -0.03 9.94 27.67
N LEU A 343 0.79 8.90 27.75
CA LEU A 343 0.31 7.54 27.99
C LEU A 343 0.84 7.08 29.33
N GLU A 344 -0.06 6.86 30.28
CA GLU A 344 0.27 6.36 31.61
C GLU A 344 -0.42 5.03 31.82
N TYR A 345 0.34 4.04 32.29
CA TYR A 345 -0.21 2.71 32.55
C TYR A 345 0.44 2.15 33.81
N TYR A 346 -0.16 1.08 34.34
CA TYR A 346 0.30 0.43 35.55
C TYR A 346 0.70 -1.01 35.23
N ASP A 347 1.97 -1.31 35.37
CA ASP A 347 2.50 -2.65 35.08
C ASP A 347 3.01 -3.29 36.36
N PRO A 348 2.30 -4.26 36.94
CA PRO A 348 2.80 -4.91 38.16
C PRO A 348 4.03 -5.76 37.94
N GLY A 349 4.28 -6.22 36.72
CA GLY A 349 5.45 -7.02 36.43
C GLY A 349 6.74 -6.22 36.39
N THR A 358 -3.31 6.16 38.59
CA THR A 358 -3.14 4.95 37.78
C THR A 358 -2.31 3.91 38.53
N GLY A 359 -2.93 3.26 39.51
CA GLY A 359 -2.26 2.25 40.30
C GLY A 359 -3.15 1.07 40.59
N PRO A 360 -2.80 0.30 41.62
CA PRO A 360 -3.60 -0.87 41.98
C PRO A 360 -4.96 -0.47 42.53
N GLY A 361 -5.95 -1.33 42.28
CA GLY A 361 -7.33 -1.05 42.64
C GLY A 361 -8.03 -0.08 41.73
N GLY A 362 -7.29 0.70 40.94
CA GLY A 362 -7.88 1.65 40.04
C GLY A 362 -7.62 1.31 38.59
N PRO A 363 -7.88 2.26 37.70
CA PRO A 363 -7.66 2.02 36.27
C PRO A 363 -6.20 1.69 35.97
N ALA A 364 -5.99 0.76 35.03
CA ALA A 364 -4.66 0.32 34.66
C ALA A 364 -4.02 1.19 33.58
N VAL A 365 -4.82 1.94 32.82
CA VAL A 365 -4.33 2.75 31.72
C VAL A 365 -4.97 4.13 31.82
N ALA A 366 -4.15 5.17 31.70
CA ALA A 366 -4.62 6.55 31.72
C ALA A 366 -4.01 7.29 30.54
N ILE A 367 -4.87 7.80 29.65
CA ILE A 367 -4.44 8.48 28.43
C ILE A 367 -4.95 9.91 28.49
N GLN A 368 -4.03 10.86 28.37
CA GLN A 368 -4.36 12.29 28.36
C GLN A 368 -4.31 12.80 26.93
N THR A 369 -5.38 13.47 26.49
CA THR A 369 -5.49 13.97 25.13
C THR A 369 -5.56 15.48 25.11
N VAL A 370 -5.33 16.05 23.93
CA VAL A 370 -5.38 17.49 23.71
C VAL A 370 -6.26 17.77 22.50
N PRO A 371 -7.16 18.74 22.57
CA PRO A 371 -8.05 19.01 21.43
C PRO A 371 -7.28 19.45 20.20
N GLU A 372 -7.76 19.00 19.03
CA GLU A 372 -7.13 19.28 17.75
C GLU A 372 -7.84 20.45 17.08
N GLY A 373 -7.05 21.44 16.66
CA GLY A 373 -5.61 21.43 16.82
C GLY A 373 -5.11 22.44 17.84
N ALA A 377 -12.12 21.95 26.42
CA ALA A 377 -11.26 21.57 27.55
C ALA A 377 -9.80 21.56 27.13
N ALA A 378 -8.92 22.03 28.03
CA ALA A 378 -7.50 22.04 27.74
C ALA A 378 -6.95 20.63 27.56
N THR A 379 -7.28 19.74 28.49
CA THR A 379 -6.86 18.34 28.42
C THR A 379 -7.99 17.46 28.89
N GLN A 380 -7.95 16.20 28.47
CA GLN A 380 -8.89 15.18 28.90
C GLN A 380 -8.12 13.91 29.22
N THR A 381 -8.47 13.28 30.34
CA THR A 381 -7.83 12.04 30.76
C THR A 381 -8.83 10.90 30.59
N TRP A 382 -8.42 9.89 29.81
CA TRP A 382 -9.24 8.71 29.55
C TRP A 382 -8.62 7.52 30.26
N THR A 383 -9.42 6.81 31.06
CA THR A 383 -8.94 5.68 31.84
C THR A 383 -9.55 4.39 31.32
N GLY A 384 -8.87 3.28 31.61
CA GLY A 384 -9.34 1.99 31.17
C GLY A 384 -8.51 0.87 31.77
N ASP A 385 -8.91 -0.36 31.45
CA ASP A 385 -8.22 -1.55 31.93
C ASP A 385 -7.13 -2.00 30.97
N LEU A 386 -7.39 -1.90 29.66
CA LEU A 386 -6.42 -2.27 28.65
C LEU A 386 -6.42 -1.20 27.57
N ALA A 387 -5.35 -1.20 26.76
CA ALA A 387 -5.19 -0.19 25.73
C ALA A 387 -4.63 -0.83 24.47
N ILE A 388 -5.06 -0.31 23.32
CA ILE A 388 -4.56 -0.71 22.01
C ILE A 388 -4.15 0.56 21.29
N VAL A 389 -2.84 0.69 21.04
CA VAL A 389 -2.29 1.86 20.35
C VAL A 389 -2.01 1.45 18.91
N THR A 390 -2.75 2.03 17.97
CA THR A 390 -2.61 1.72 16.56
C THR A 390 -1.98 2.86 15.77
N ILE A 391 -1.46 3.88 16.44
CA ILE A 391 -0.86 5.02 15.76
C ILE A 391 0.55 4.65 15.32
N PRO A 392 1.06 5.26 14.24
CA PRO A 392 2.42 4.92 13.79
C PRO A 392 3.47 5.27 14.84
N PHE A 393 4.61 4.57 14.77
CA PHE A 393 5.69 4.84 15.71
C PHE A 393 6.30 6.22 15.49
N SER A 394 6.21 6.75 14.27
CA SER A 394 6.61 8.13 14.03
C SER A 394 5.71 9.10 14.77
N SER A 395 4.48 8.70 15.07
CA SER A 395 3.56 9.53 15.84
C SER A 395 3.68 9.27 17.34
N LEU A 396 3.87 8.01 17.73
CA LEU A 396 4.10 7.67 19.13
C LEU A 396 5.39 8.28 19.67
N ARG A 397 6.30 8.66 18.78
CA ARG A 397 7.60 9.18 19.19
C ARG A 397 7.46 10.43 20.06
N PHE A 398 6.41 11.22 19.85
CA PHE A 398 6.21 12.46 20.59
C PHE A 398 5.28 12.31 21.78
N VAL A 399 4.99 11.08 22.19
CA VAL A 399 4.12 10.80 23.33
C VAL A 399 4.99 10.49 24.54
N LYS A 400 4.65 11.08 25.68
CA LYS A 400 5.36 10.81 26.93
C LYS A 400 4.71 9.63 27.64
N VAL A 401 5.55 8.74 28.16
CA VAL A 401 5.13 7.41 28.61
C VAL A 401 5.63 7.18 30.03
N THR A 402 4.78 6.56 30.86
CA THR A 402 5.15 6.09 32.20
C THR A 402 4.40 4.80 32.54
N PRO A 403 5.11 3.75 33.00
CA PRO A 403 6.57 3.71 33.06
C PRO A 403 7.15 3.48 31.66
N PRO A 404 8.47 3.60 31.49
CA PRO A 404 9.06 3.36 30.16
C PRO A 404 8.70 1.98 29.64
N PHE A 405 8.43 1.92 28.33
CA PHE A 405 8.29 0.63 27.68
C PHE A 405 9.59 -0.17 27.82
N SER A 406 9.51 -1.45 27.48
CA SER A 406 10.71 -2.28 27.46
C SER A 406 11.75 -1.64 26.54
N TYR A 407 13.02 -1.78 26.93
CA TYR A 407 14.10 -1.05 26.26
C TYR A 407 14.07 -1.27 24.74
N LYS A 408 13.90 -2.52 24.32
CA LYS A 408 13.99 -2.83 22.89
C LYS A 408 12.82 -2.24 22.13
N LYS A 409 11.65 -2.11 22.75
CA LYS A 409 10.53 -1.45 22.07
C LYS A 409 10.77 0.05 21.96
N ARG A 410 11.29 0.67 23.03
CA ARG A 410 11.62 2.08 22.97
C ARG A 410 12.58 2.36 21.83
N ARG A 411 13.60 1.52 21.67
CA ARG A 411 14.51 1.65 20.54
C ARG A 411 13.78 1.44 19.21
N ALA A 412 12.78 0.56 19.20
CA ALA A 412 11.99 0.36 17.99
C ALA A 412 11.21 1.63 17.64
N VAL A 413 10.64 2.29 18.65
CA VAL A 413 9.93 3.53 18.40
C VAL A 413 10.88 4.62 17.92
N ILE A 414 12.12 4.61 18.41
CA ILE A 414 13.08 5.65 18.05
C ILE A 414 13.67 5.39 16.66
N GLU A 415 14.07 4.15 16.39
CA GLU A 415 14.93 3.85 15.24
C GLU A 415 14.17 3.44 13.99
N THR A 416 12.86 3.18 14.08
CA THR A 416 12.13 2.67 12.93
C THR A 416 12.06 3.72 11.82
N HIS A 417 12.64 3.40 10.67
CA HIS A 417 12.61 4.29 9.53
C HIS A 417 11.20 4.33 8.95
N TYR A 418 10.68 5.54 8.72
CA TYR A 418 9.38 5.73 8.10
C TYR A 418 9.57 6.36 6.73
N ASP A 419 9.13 5.64 5.70
CA ASP A 419 9.35 6.07 4.33
C ASP A 419 8.50 7.29 3.98
N GLN A 420 8.94 8.01 2.96
CA GLN A 420 8.26 9.19 2.46
C GLN A 420 7.48 8.83 1.19
N ALA A 421 6.37 9.52 0.98
CA ALA A 421 5.54 9.26 -0.20
C ALA A 421 4.65 10.47 -0.48
N THR A 422 4.57 10.84 -1.75
CA THR A 422 3.77 11.97 -2.20
C THR A 422 3.05 11.60 -3.49
N LYS A 423 1.77 11.95 -3.57
CA LYS A 423 0.94 11.71 -4.74
C LYS A 423 0.43 13.04 -5.29
N VAL A 424 0.47 13.19 -6.60
CA VAL A 424 -0.02 14.39 -7.28
C VAL A 424 -1.09 13.96 -8.28
N LEU A 425 -2.28 14.53 -8.15
CA LEU A 425 -3.44 14.14 -8.95
C LEU A 425 -3.90 15.32 -9.79
N LEU A 426 -4.05 15.08 -11.10
CA LEU A 426 -4.48 16.10 -12.04
C LEU A 426 -5.77 15.65 -12.71
N GLU A 427 -6.76 16.53 -12.72
CA GLU A 427 -8.06 16.23 -13.30
C GLU A 427 -8.09 16.66 -14.76
N PHE A 428 -8.74 15.85 -15.59
CA PHE A 428 -8.87 16.12 -17.01
C PHE A 428 -10.33 16.00 -17.43
N SER A 429 -10.78 16.91 -18.30
CA SER A 429 -12.18 16.89 -18.72
C SER A 429 -12.49 15.71 -19.62
N ARG A 430 -11.49 15.18 -20.32
CA ARG A 430 -11.64 13.99 -21.14
C ARG A 430 -10.59 12.96 -20.75
N ARG A 431 -10.83 11.71 -21.14
CA ARG A 431 -9.90 10.63 -20.88
C ARG A 431 -8.96 10.47 -22.07
N TRP A 432 -8.05 11.44 -22.19
CA TRP A 432 -7.15 11.51 -23.35
C TRP A 432 -6.23 10.29 -23.42
N TRP A 433 -5.96 9.62 -22.31
CA TRP A 433 -5.09 8.45 -22.34
C TRP A 433 -5.73 7.25 -23.01
N GLU A 434 -7.05 7.28 -23.24
CA GLU A 434 -7.72 6.26 -24.03
C GLU A 434 -7.83 6.62 -25.50
N PHE A 435 -7.45 7.84 -25.87
CA PHE A 435 -7.64 8.31 -27.24
C PHE A 435 -6.75 7.56 -28.21
N THR A 436 -7.29 7.25 -29.39
CA THR A 436 -6.47 6.91 -30.53
C THR A 436 -6.01 8.19 -31.20
N GLU A 437 -5.16 8.06 -32.22
CA GLU A 437 -4.75 9.25 -32.97
C GLU A 437 -5.95 9.87 -33.69
N ALA A 438 -6.90 9.05 -34.12
CA ALA A 438 -8.12 9.58 -34.73
C ALA A 438 -8.99 10.27 -33.69
N ASP A 439 -9.07 9.71 -32.48
CA ASP A 439 -9.81 10.37 -31.41
C ASP A 439 -9.21 11.74 -31.10
N TRP A 440 -7.88 11.86 -31.15
CA TRP A 440 -7.24 13.15 -30.94
C TRP A 440 -7.67 14.16 -32.00
N LYS A 441 -7.71 13.73 -33.26
CA LYS A 441 -8.07 14.63 -34.35
C LYS A 441 -9.49 15.17 -34.18
N ARG A 442 -10.43 14.29 -33.84
CA ARG A 442 -11.82 14.72 -33.68
C ARG A 442 -12.00 15.56 -32.42
N GLU A 443 -11.42 15.12 -31.30
CA GLU A 443 -11.66 15.79 -30.03
C GLU A 443 -11.05 17.19 -30.00
N LEU A 444 -9.88 17.36 -30.62
CA LEU A 444 -9.25 18.67 -30.62
C LEU A 444 -9.96 19.63 -31.57
N ASP A 445 -10.31 19.16 -32.77
CA ASP A 445 -11.02 20.01 -33.72
C ASP A 445 -12.41 20.37 -33.24
N ALA A 446 -13.05 19.48 -32.47
CA ALA A 446 -14.36 19.80 -31.90
C ALA A 446 -14.27 21.00 -30.98
N ILE A 447 -13.16 21.12 -30.24
CA ILE A 447 -12.97 22.26 -29.36
C ILE A 447 -12.75 23.53 -30.18
N ALA A 448 -11.90 23.45 -31.21
CA ALA A 448 -11.62 24.59 -32.06
C ALA A 448 -11.12 24.09 -33.40
N PRO A 449 -11.57 24.66 -34.52
CA PRO A 449 -11.12 24.16 -35.83
C PRO A 449 -9.64 24.43 -36.05
N GLY A 450 -8.94 23.42 -36.55
CA GLY A 450 -7.51 23.51 -36.78
C GLY A 450 -6.64 23.29 -35.57
N LEU A 451 -7.24 23.05 -34.40
CA LEU A 451 -6.45 22.90 -33.17
C LEU A 451 -5.57 21.66 -33.21
N TYR A 452 -6.04 20.58 -33.84
CA TYR A 452 -5.21 19.39 -33.97
C TYR A 452 -3.93 19.68 -34.73
N ASP A 453 -4.06 20.25 -35.93
CA ASP A 453 -2.88 20.63 -36.71
C ASP A 453 -2.01 21.62 -35.94
N TYR A 454 -2.62 22.45 -35.11
CA TYR A 454 -1.85 23.45 -34.36
C TYR A 454 -0.82 22.80 -33.45
N TYR A 455 -1.23 21.75 -32.73
CA TYR A 455 -0.31 21.06 -31.84
C TYR A 455 0.66 20.15 -32.61
N GLN A 456 0.25 19.67 -33.78
CA GLN A 456 1.18 18.93 -34.64
C GLN A 456 2.37 19.79 -35.05
N GLN A 457 2.14 21.07 -35.40
CA GLN A 457 3.24 21.94 -35.83
C GLN A 457 4.05 22.40 -34.63
N TRP A 458 3.39 22.55 -33.48
CA TRP A 458 4.04 23.02 -32.27
C TRP A 458 5.06 22.00 -31.78
N GLY A 459 4.71 20.72 -31.80
CA GLY A 459 5.66 19.69 -31.42
C GLY A 459 5.82 19.58 -29.92
N GLU A 460 6.93 18.96 -29.54
CA GLU A 460 7.23 18.70 -28.14
C GLU A 460 8.52 19.41 -27.73
N ASP A 461 8.56 19.84 -26.48
CA ASP A 461 9.76 20.48 -25.94
C ASP A 461 10.92 19.49 -25.92
N ASP A 462 12.06 19.90 -26.48
CA ASP A 462 13.26 19.08 -26.37
C ASP A 462 13.72 18.95 -24.92
N ALA A 463 13.50 19.98 -24.12
CA ALA A 463 13.96 19.96 -22.74
C ALA A 463 13.13 19.02 -21.89
N GLU A 464 13.80 18.27 -21.02
CA GLU A 464 13.16 17.27 -20.19
C GLU A 464 13.93 17.16 -18.88
N ALA A 465 13.19 16.99 -17.78
CA ALA A 465 13.80 16.93 -16.46
C ALA A 465 14.19 15.49 -16.12
N ALA A 466 15.14 14.98 -16.90
CA ALA A 466 15.64 13.62 -16.71
C ALA A 466 17.14 13.55 -16.99
N GLY A 507 10.54 16.41 -30.16
CA GLY A 507 9.99 17.56 -30.86
C GLY A 507 8.89 17.07 -31.80
N GLY A 508 8.94 15.79 -32.20
CA GLY A 508 7.77 15.17 -32.83
C GLY A 508 6.70 14.86 -31.79
N VAL A 509 5.44 15.14 -32.15
CA VAL A 509 4.33 14.96 -31.21
C VAL A 509 4.33 13.53 -30.71
N ARG A 510 4.25 13.37 -29.39
CA ARG A 510 4.28 12.05 -28.79
C ARG A 510 3.12 11.22 -29.34
N PRO A 511 3.31 9.92 -29.54
CA PRO A 511 2.22 9.09 -30.05
C PRO A 511 1.06 9.03 -29.05
N ALA A 512 -0.11 8.68 -29.57
CA ALA A 512 -1.27 8.49 -28.71
C ALA A 512 -1.02 7.33 -27.76
N THR A 513 -1.32 7.55 -26.48
CA THR A 513 -1.12 6.50 -25.49
C THR A 513 -2.05 5.32 -25.77
N ASN A 514 -3.37 5.58 -25.81
CA ASN A 514 -4.37 4.56 -26.10
C ASN A 514 -4.26 3.38 -25.14
N ALA A 515 -4.37 3.69 -23.85
CA ALA A 515 -4.25 2.71 -22.79
C ALA A 515 -5.42 2.82 -21.84
N TYR A 516 -5.88 1.67 -21.34
CA TYR A 516 -6.99 1.60 -20.40
C TYR A 516 -6.47 1.00 -19.09
N GLY A 517 -6.32 1.83 -18.08
CA GLY A 517 -5.77 1.38 -16.81
C GLY A 517 -4.26 1.28 -16.86
N GLY A 518 -3.70 0.62 -15.84
CA GLY A 518 -2.27 0.46 -15.77
C GLY A 518 -1.56 1.77 -15.48
N GLY A 519 -0.30 1.83 -15.88
CA GLY A 519 0.50 3.01 -15.60
C GLY A 519 1.80 2.98 -16.37
N SER A 520 2.39 4.17 -16.51
CA SER A 520 3.65 4.36 -17.23
C SER A 520 4.78 4.70 -16.25
N THR A 521 5.99 4.36 -16.66
CA THR A 521 7.19 4.57 -15.86
C THR A 521 8.12 5.55 -16.59
N THR A 522 8.72 6.46 -15.84
CA THR A 522 9.64 7.43 -16.39
C THR A 522 10.69 7.80 -15.36
N ASP A 523 11.74 8.48 -15.83
CA ASP A 523 12.83 8.91 -14.97
C ASP A 523 12.76 10.40 -14.60
N ASN A 524 11.74 11.11 -15.05
CA ASN A 524 11.51 12.48 -14.57
C ASN A 524 10.86 12.42 -13.20
N PRO A 525 10.81 13.55 -12.46
CA PRO A 525 10.34 13.51 -11.07
C PRO A 525 8.99 12.84 -10.85
N ASN A 526 8.13 12.77 -11.87
CA ASN A 526 6.84 12.11 -11.70
C ASN A 526 7.00 10.62 -11.46
N ARG A 527 8.00 10.00 -12.08
CA ARG A 527 8.40 8.62 -11.85
C ARG A 527 7.34 7.61 -12.28
N PHE A 528 6.16 7.65 -11.65
CA PHE A 528 5.11 6.69 -11.98
C PHE A 528 3.78 7.41 -12.11
N MET A 529 3.05 7.06 -13.15
CA MET A 529 1.81 7.73 -13.52
C MET A 529 0.74 6.66 -13.77
N TYR A 530 -0.28 6.64 -12.93
CA TYR A 530 -1.34 5.65 -13.04
C TYR A 530 -2.59 6.29 -13.63
N TYR A 531 -3.29 5.52 -14.48
CA TYR A 531 -4.54 5.95 -15.09
C TYR A 531 -5.71 5.24 -14.41
N PRO A 532 -6.86 5.90 -14.31
CA PRO A 532 -8.02 5.29 -13.64
C PRO A 532 -8.43 3.99 -14.34
N SER A 533 -8.70 2.97 -13.53
CA SER A 533 -9.09 1.67 -14.08
C SER A 533 -10.51 1.69 -14.63
N HIS A 534 -11.41 2.45 -13.99
CA HIS A 534 -12.80 2.47 -14.38
C HIS A 534 -13.29 3.91 -14.46
N PRO A 535 -13.97 4.29 -15.53
CA PRO A 535 -14.54 5.64 -15.62
C PRO A 535 -15.73 5.78 -14.69
N VAL A 536 -15.90 6.99 -14.17
CA VAL A 536 -17.06 7.29 -13.31
C VAL A 536 -18.27 7.43 -14.22
N PRO A 537 -19.32 6.61 -14.03
CA PRO A 537 -20.49 6.68 -14.91
C PRO A 537 -21.16 8.05 -14.83
N GLY A 538 -21.70 8.49 -15.97
CA GLY A 538 -22.25 9.82 -16.07
C GLY A 538 -21.23 10.92 -16.22
N THR A 539 -19.94 10.59 -16.21
CA THR A 539 -18.85 11.54 -16.39
C THR A 539 -18.14 11.27 -17.70
N GLN A 540 -17.41 12.29 -18.18
CA GLN A 540 -16.61 12.14 -19.39
C GLN A 540 -15.11 12.24 -19.13
N GLY A 541 -14.70 12.69 -17.96
CA GLY A 541 -13.32 12.92 -17.61
C GLY A 541 -12.74 11.84 -16.73
N GLY A 542 -11.71 12.22 -15.97
CA GLY A 542 -11.02 11.31 -15.08
C GLY A 542 -9.83 11.98 -14.41
N VAL A 543 -9.37 11.43 -13.29
CA VAL A 543 -8.27 12.01 -12.52
C VAL A 543 -7.06 11.10 -12.66
N VAL A 544 -5.99 11.63 -13.25
CA VAL A 544 -4.74 10.90 -13.43
C VAL A 544 -3.89 11.04 -12.17
N LEU A 545 -3.29 9.93 -11.74
CA LEU A 545 -2.24 9.98 -10.72
C LEU A 545 -0.95 10.40 -11.42
N ALA A 546 -0.73 11.72 -11.48
CA ALA A 546 0.34 12.25 -12.32
C ALA A 546 1.72 11.98 -11.73
N ALA A 547 1.83 11.90 -10.40
CA ALA A 547 3.12 11.68 -9.76
C ALA A 547 2.94 10.82 -8.52
N TYR A 548 3.76 9.79 -8.40
CA TYR A 548 3.69 8.86 -7.27
C TYR A 548 5.07 8.25 -7.08
N SER A 549 5.72 8.59 -5.98
CA SER A 549 7.09 8.13 -5.72
C SER A 549 7.30 7.95 -4.22
N TRP A 550 8.39 7.27 -3.87
CA TRP A 550 8.73 7.01 -2.48
CA TRP A 550 8.75 6.95 -2.50
C TRP A 550 10.15 7.48 -2.19
N SER A 551 10.43 7.59 -0.89
CA SER A 551 11.76 7.93 -0.37
C SER A 551 12.40 9.12 -1.06
N ASP A 552 13.60 8.93 -1.63
CA ASP A 552 14.33 10.04 -2.23
C ASP A 552 13.56 10.65 -3.40
N ASP A 553 12.89 9.82 -4.19
CA ASP A 553 12.07 10.33 -5.28
C ASP A 553 10.90 11.14 -4.74
N ALA A 554 10.26 10.67 -3.66
CA ALA A 554 9.21 11.45 -3.03
C ALA A 554 9.78 12.62 -2.25
N ALA A 555 11.00 12.49 -1.75
CA ALA A 555 11.65 13.60 -1.04
C ALA A 555 11.79 14.83 -1.93
N ARG A 556 11.80 14.65 -3.25
CA ARG A 556 11.88 15.79 -4.16
C ARG A 556 10.58 16.58 -4.14
N TRP A 557 9.43 15.90 -4.20
CA TRP A 557 8.16 16.60 -4.29
C TRP A 557 7.80 17.27 -2.98
N ASP A 558 8.06 16.61 -1.85
CA ASP A 558 7.67 17.15 -0.56
C ASP A 558 8.74 18.12 -0.04
N SER A 559 9.42 18.79 -0.96
CA SER A 559 10.17 19.99 -0.64
C SER A 559 9.47 21.23 -1.15
N PHE A 560 8.35 21.07 -1.85
CA PHE A 560 7.51 22.15 -2.33
C PHE A 560 6.15 22.06 -1.65
N ASP A 561 5.36 23.12 -1.80
CA ASP A 561 4.01 23.13 -1.25
C ASP A 561 3.02 22.58 -2.27
N ASP A 562 1.78 22.40 -1.80
CA ASP A 562 0.77 21.71 -2.59
C ASP A 562 0.49 22.44 -3.91
N ALA A 563 0.21 23.75 -3.83
CA ALA A 563 -0.08 24.52 -5.04
C ALA A 563 1.12 24.67 -5.95
N GLU A 564 2.32 24.44 -5.42
CA GLU A 564 3.55 24.47 -6.22
C GLU A 564 3.79 23.17 -6.98
N ARG A 565 2.99 22.14 -6.74
CA ARG A 565 3.24 20.82 -7.31
C ARG A 565 2.60 20.63 -8.67
N TYR A 566 1.49 21.31 -8.94
CA TYR A 566 0.68 20.98 -10.12
C TYR A 566 1.35 21.41 -11.41
N GLY A 567 2.14 22.50 -11.39
CA GLY A 567 2.79 22.94 -12.60
C GLY A 567 3.86 21.98 -13.08
N TYR A 568 4.72 21.53 -12.16
CA TYR A 568 5.78 20.58 -12.54
C TYR A 568 5.19 19.25 -13.00
N ALA A 569 4.15 18.78 -12.31
CA ALA A 569 3.60 17.46 -12.61
C ALA A 569 2.95 17.43 -13.99
N LEU A 570 2.31 18.53 -14.39
CA LEU A 570 1.72 18.58 -15.72
C LEU A 570 2.78 18.60 -16.81
N GLU A 571 3.85 19.38 -16.62
CA GLU A 571 4.92 19.43 -17.60
C GLU A 571 5.61 18.08 -17.74
N ASN A 572 5.90 17.42 -16.63
CA ASN A 572 6.52 16.10 -16.69
C ASN A 572 5.56 15.05 -17.25
N LEU A 573 4.26 15.26 -17.07
CA LEU A 573 3.28 14.39 -17.71
C LEU A 573 3.27 14.60 -19.23
N GLN A 574 3.51 15.84 -19.68
CA GLN A 574 3.58 16.11 -21.11
C GLN A 574 4.84 15.53 -21.73
N SER A 575 5.90 15.36 -20.94
CA SER A 575 7.13 14.78 -21.45
C SER A 575 6.93 13.36 -21.95
N VAL A 576 5.94 12.66 -21.39
CA VAL A 576 5.67 11.27 -21.76
C VAL A 576 4.50 11.16 -22.74
N HIS A 577 3.42 11.89 -22.47
CA HIS A 577 2.19 11.73 -23.24
C HIS A 577 2.01 12.79 -24.32
N GLY A 578 2.74 13.90 -24.25
CA GLY A 578 2.59 14.96 -25.24
C GLY A 578 2.09 16.25 -24.64
N ARG A 579 2.54 17.38 -25.21
CA ARG A 579 2.12 18.68 -24.71
C ARG A 579 0.62 18.89 -24.88
N ARG A 580 0.02 18.30 -25.92
CA ARG A 580 -1.36 18.59 -26.26
C ARG A 580 -2.37 18.13 -25.22
N ILE A 581 -1.96 17.36 -24.21
CA ILE A 581 -2.87 16.96 -23.15
C ILE A 581 -3.29 18.12 -22.28
N GLU A 582 -2.60 19.27 -22.38
CA GLU A 582 -2.96 20.44 -21.59
C GLU A 582 -4.35 20.96 -21.91
N VAL A 583 -4.88 20.62 -23.09
CA VAL A 583 -6.19 21.14 -23.50
C VAL A 583 -7.28 20.68 -22.55
N PHE A 584 -7.21 19.42 -22.12
CA PHE A 584 -8.26 18.83 -21.29
C PHE A 584 -8.00 18.98 -19.80
N TYR A 585 -6.87 19.58 -19.41
CA TYR A 585 -6.61 19.83 -18.00
C TYR A 585 -7.59 20.85 -17.45
N THR A 586 -8.34 20.47 -16.42
CA THR A 586 -9.36 21.34 -15.86
C THR A 586 -8.78 22.45 -15.00
N GLY A 587 -7.51 22.35 -14.60
CA GLY A 587 -6.91 23.28 -13.68
C GLY A 587 -6.99 22.87 -12.23
N ALA A 588 -7.81 21.88 -11.89
CA ALA A 588 -7.96 21.42 -10.52
C ALA A 588 -6.99 20.28 -10.23
N GLY A 589 -6.34 20.35 -9.08
CA GLY A 589 -5.40 19.33 -8.69
C GLY A 589 -5.49 19.04 -7.20
N GLN A 590 -4.99 17.87 -6.83
CA GLN A 590 -4.93 17.44 -5.44
C GLN A 590 -3.62 16.73 -5.20
N THR A 591 -3.01 16.97 -4.03
CA THR A 591 -1.79 16.28 -3.67
C THR A 591 -1.85 15.91 -2.20
N GLN A 592 -1.03 14.92 -1.83
CA GLN A 592 -0.97 14.40 -0.48
C GLN A 592 0.47 13.99 -0.20
N SER A 593 1.14 14.76 0.66
CA SER A 593 2.48 14.42 1.13
C SER A 593 2.34 13.75 2.49
N TRP A 594 2.59 12.44 2.53
CA TRP A 594 2.38 11.68 3.76
C TRP A 594 3.48 11.93 4.78
N LEU A 595 4.69 12.25 4.33
CA LEU A 595 5.74 12.66 5.27
C LEU A 595 5.34 13.93 6.00
N ARG A 596 4.51 14.77 5.39
CA ARG A 596 4.07 16.03 5.97
C ARG A 596 2.63 15.98 6.46
N ASP A 597 2.09 14.78 6.68
CA ASP A 597 0.78 14.64 7.33
C ASP A 597 0.99 14.52 8.82
N PRO A 598 0.40 15.39 9.64
CA PRO A 598 0.66 15.35 11.09
C PRO A 598 0.18 14.07 11.77
N TYR A 599 -0.78 13.37 11.16
CA TYR A 599 -1.34 12.17 11.76
C TYR A 599 -0.66 10.88 11.31
N ALA A 600 -0.01 10.89 10.14
CA ALA A 600 0.72 9.73 9.66
C ALA A 600 2.23 9.85 9.86
N CYS A 601 2.77 11.06 9.71
CA CYS A 601 4.21 11.30 9.86
C CYS A 601 5.04 10.36 8.98
N GLY A 602 4.56 10.14 7.76
CA GLY A 602 5.25 9.28 6.83
C GLY A 602 4.31 8.33 6.10
N GLU A 603 4.83 7.65 5.07
CA GLU A 603 4.02 6.69 4.33
C GLU A 603 3.75 5.45 5.16
N ALA A 604 4.82 4.78 5.60
CA ALA A 604 4.71 3.49 6.28
C ALA A 604 6.05 3.15 6.87
N ALA A 605 6.04 2.25 7.85
CA ALA A 605 7.28 1.74 8.42
C ALA A 605 8.01 0.91 7.38
N VAL A 606 9.27 1.26 7.13
CA VAL A 606 10.13 0.52 6.21
C VAL A 606 11.47 0.32 6.89
N TYR A 607 11.81 -0.94 7.17
CA TYR A 607 13.04 -1.23 7.91
C TYR A 607 14.27 -0.99 7.04
N THR A 608 15.32 -0.48 7.65
CA THR A 608 16.65 -0.52 7.07
C THR A 608 17.27 -1.87 7.40
N PRO A 609 18.43 -2.20 6.81
CA PRO A 609 19.04 -3.51 7.09
C PRO A 609 19.18 -3.80 8.58
N HIS A 610 18.92 -5.06 8.93
CA HIS A 610 19.12 -5.63 10.26
C HIS A 610 18.11 -5.15 11.30
N GLN A 611 17.33 -4.13 10.97
CA GLN A 611 16.37 -3.59 11.94
C GLN A 611 15.36 -4.66 12.36
N MET A 612 14.89 -5.47 11.42
CA MET A 612 13.89 -6.49 11.74
C MET A 612 14.45 -7.51 12.73
N THR A 613 15.64 -8.03 12.47
CA THR A 613 16.27 -8.96 13.42
C THR A 613 16.50 -8.29 14.77
N ALA A 614 16.77 -6.98 14.77
CA ALA A 614 17.15 -6.31 16.01
C ALA A 614 15.99 -6.25 17.00
N PHE A 615 14.83 -5.71 16.57
CA PHE A 615 13.79 -5.41 17.54
C PHE A 615 12.37 -5.65 17.06
N HIS A 616 12.15 -6.32 15.92
CA HIS A 616 10.77 -6.48 15.48
C HIS A 616 9.98 -7.42 16.38
N LEU A 617 10.64 -8.44 16.94
CA LEU A 617 9.95 -9.29 17.92
C LEU A 617 9.55 -8.50 19.15
N ASP A 618 10.21 -7.38 19.42
CA ASP A 618 9.82 -6.49 20.50
C ASP A 618 8.79 -5.45 20.07
N VAL A 619 8.58 -5.28 18.77
CA VAL A 619 7.54 -4.38 18.29
C VAL A 619 6.16 -4.93 18.62
N VAL A 620 5.97 -6.25 18.45
CA VAL A 620 4.65 -6.85 18.66
C VAL A 620 4.34 -7.10 20.13
N ARG A 621 5.36 -7.17 20.98
CA ARG A 621 5.16 -7.61 22.35
C ARG A 621 4.37 -6.58 23.15
N PRO A 622 3.30 -6.96 23.85
CA PRO A 622 2.56 -6.00 24.65
C PRO A 622 3.40 -5.44 25.79
N GLU A 623 3.07 -4.21 26.19
CA GLU A 623 3.72 -3.55 27.33
C GLU A 623 2.72 -3.51 28.47
N GLY A 624 2.67 -4.59 29.24
CA GLY A 624 1.72 -4.73 30.31
C GLY A 624 0.30 -4.66 29.79
N PRO A 625 -0.46 -3.64 30.19
CA PRO A 625 -1.83 -3.49 29.71
C PRO A 625 -1.94 -2.76 28.37
N VAL A 626 -0.82 -2.43 27.73
CA VAL A 626 -0.82 -1.69 26.48
C VAL A 626 -0.44 -2.64 25.36
N TYR A 627 -1.35 -2.80 24.39
CA TYR A 627 -1.13 -3.62 23.21
C TYR A 627 -0.90 -2.72 22.01
N PHE A 628 -0.39 -3.32 20.92
CA PHE A 628 0.00 -2.56 19.75
C PHE A 628 -0.51 -3.25 18.49
N ALA A 629 -1.15 -2.47 17.63
CA ALA A 629 -1.58 -2.93 16.32
C ALA A 629 -1.20 -1.88 15.28
N GLY A 630 -1.42 -2.21 14.02
CA GLY A 630 -1.12 -1.31 12.92
C GLY A 630 -0.22 -1.96 11.89
N GLU A 631 -0.10 -1.27 10.76
CA GLU A 631 0.69 -1.77 9.65
C GLU A 631 2.14 -2.02 10.06
N HIS A 632 2.69 -1.17 10.92
CA HIS A 632 4.08 -1.30 11.35
C HIS A 632 4.31 -2.52 12.24
N VAL A 633 3.25 -3.04 12.89
CA VAL A 633 3.43 -4.16 13.79
C VAL A 633 3.56 -5.48 13.02
N SER A 634 3.00 -5.55 11.82
CA SER A 634 3.11 -6.74 11.00
C SER A 634 4.41 -6.71 10.20
N LEU A 635 4.62 -7.75 9.40
CA LEU A 635 5.68 -7.75 8.41
C LEU A 635 5.14 -7.51 7.00
N LYS A 636 3.87 -7.17 6.87
CA LYS A 636 3.30 -6.74 5.59
C LYS A 636 3.20 -5.21 5.57
N HIS A 637 4.37 -4.57 5.70
CA HIS A 637 4.41 -3.12 5.81
C HIS A 637 3.82 -2.47 4.56
N ALA A 638 3.13 -1.34 4.78
CA ALA A 638 2.54 -0.53 3.71
C ALA A 638 1.47 -1.32 2.95
N TRP A 639 0.73 -2.15 3.68
CA TRP A 639 -0.46 -2.82 3.16
C TRP A 639 -1.55 -2.73 4.21
N ILE A 640 -2.79 -2.60 3.75
CA ILE A 640 -3.93 -2.60 4.68
C ILE A 640 -4.00 -3.94 5.40
N GLU A 641 -3.69 -5.03 4.69
CA GLU A 641 -3.78 -6.37 5.27
C GLU A 641 -2.94 -6.49 6.53
N GLY A 642 -1.75 -5.90 6.54
CA GLY A 642 -0.89 -5.98 7.70
C GLY A 642 -1.51 -5.34 8.93
N ALA A 643 -2.22 -4.23 8.74
CA ALA A 643 -2.89 -3.59 9.87
C ALA A 643 -4.08 -4.43 10.35
N VAL A 644 -4.86 -4.96 9.41
CA VAL A 644 -6.00 -5.79 9.78
C VAL A 644 -5.54 -7.05 10.49
N GLU A 645 -4.38 -7.58 10.09
CA GLU A 645 -3.82 -8.75 10.76
C GLU A 645 -3.53 -8.45 12.23
N THR A 646 -2.76 -7.41 12.49
CA THR A 646 -2.38 -7.08 13.86
C THR A 646 -3.57 -6.56 14.66
N ALA A 647 -4.55 -5.93 14.00
CA ALA A 647 -5.74 -5.46 14.69
C ALA A 647 -6.56 -6.64 15.21
N VAL A 648 -6.84 -7.61 14.34
CA VAL A 648 -7.53 -8.81 14.78
C VAL A 648 -6.70 -9.55 15.83
N ARG A 649 -5.39 -9.67 15.60
CA ARG A 649 -4.52 -10.33 16.56
C ARG A 649 -4.55 -9.62 17.91
N ALA A 650 -4.60 -8.29 17.91
CA ALA A 650 -4.68 -7.55 19.17
C ALA A 650 -6.03 -7.72 19.83
N ALA A 651 -7.11 -7.70 19.05
CA ALA A 651 -8.44 -7.87 19.61
C ALA A 651 -8.60 -9.23 20.27
N ILE A 652 -7.96 -10.26 19.72
CA ILE A 652 -8.03 -11.60 20.32
C ILE A 652 -7.35 -11.60 21.68
N ALA A 653 -6.15 -11.01 21.75
CA ALA A 653 -5.36 -11.07 22.97
C ALA A 653 -5.99 -10.25 24.09
N VAL A 654 -6.55 -9.08 23.75
CA VAL A 654 -7.18 -8.25 24.79
C VAL A 654 -8.54 -8.79 25.20
N ASN A 655 -9.18 -9.59 24.36
CA ASN A 655 -10.51 -10.11 24.67
C ASN A 655 -10.44 -11.20 25.72
N GLU A 656 -9.43 -12.06 25.65
CA GLU A 656 -9.27 -13.18 26.59
C GLU A 656 -8.29 -12.86 27.71
N ALA A 657 -7.87 -11.60 27.85
CA ALA A 657 -6.90 -11.25 28.88
C ALA A 657 -7.49 -11.50 30.26
N PRO A 658 -6.69 -11.98 31.23
CA PRO A 658 -7.13 -12.26 32.59
C PRO A 658 -7.69 -11.03 33.31
PA FAD B . -3.23 4.56 10.14
O1A FAD B . -2.12 5.50 9.81
O2A FAD B . -4.14 4.23 8.96
O5B FAD B . -4.08 5.10 11.33
C5B FAD B . -3.50 5.91 12.37
C4B FAD B . -4.59 6.78 12.96
O4B FAD B . -4.17 7.27 14.25
C3B FAD B . -4.97 8.00 12.12
O3B FAD B . -6.38 8.08 11.92
C2B FAD B . -4.43 9.18 12.92
O2B FAD B . -5.27 10.32 12.82
C1B FAD B . -4.44 8.65 14.35
N9A FAD B . -3.43 9.25 15.21
C8A FAD B . -2.14 9.52 14.87
N7A FAD B . -1.43 10.06 15.83
C5A FAD B . -2.33 10.14 16.89
C6A FAD B . -2.21 10.62 18.21
N6A FAD B . -1.08 11.13 18.70
N1A FAD B . -3.29 10.56 19.00
C2A FAD B . -4.43 10.05 18.50
N3A FAD B . -4.66 9.57 17.28
C4A FAD B . -3.56 9.64 16.52
N1 FAD B . -2.20 -0.45 1.52
C2 FAD B . -2.74 -1.38 0.68
O2 FAD B . -3.15 -2.47 1.11
N3 FAD B . -2.84 -1.13 -0.67
C4 FAD B . -2.43 0.03 -1.31
O4 FAD B . -2.57 0.15 -2.52
C4X FAD B . -1.85 1.01 -0.41
N5 FAD B . -1.44 2.13 -0.92
C5X FAD B . -0.89 3.09 -0.06
C6 FAD B . -0.44 4.29 -0.59
C7 FAD B . 0.12 5.26 0.23
C7M FAD B . 0.60 6.56 -0.38
C8 FAD B . 0.23 5.03 1.61
C8M FAD B . 0.82 6.06 2.52
C9 FAD B . -0.21 3.83 2.14
C9A FAD B . -0.77 2.86 1.32
N10 FAD B . -1.24 1.62 1.83
C10 FAD B . -1.78 0.68 0.98
C1' FAD B . -1.14 1.32 3.26
C2' FAD B . -2.45 1.53 4.00
O2' FAD B . -3.09 2.73 3.58
C3' FAD B . -2.17 1.61 5.51
O3' FAD B . -1.15 0.67 5.83
C4' FAD B . -3.39 1.33 6.37
O4' FAD B . -4.18 2.52 6.49
C5' FAD B . -3.02 0.80 7.75
O5' FAD B . -2.81 1.92 8.64
P FAD B . -2.93 1.75 10.19
O1P FAD B . -4.34 1.37 10.62
O2P FAD B . -1.87 0.82 10.66
O3P FAD B . -2.63 3.21 10.73
N ARG C . 1.37 -0.85 -0.66
CA ARG C . 1.91 -0.10 -1.79
C ARG C . 0.98 -0.17 -2.99
O ARG C . -0.05 -0.84 -2.97
CB ARG C . 3.29 -0.62 -2.17
CG ARG C . 4.42 0.32 -1.83
CD ARG C . 4.62 0.41 -0.34
NE ARG C . 5.66 1.36 0.06
CZ ARG C . 6.96 1.17 -0.11
NH1 ARG C . 7.82 2.09 0.30
NH2 ARG C . 7.41 0.06 -0.67
OXT ARG C . 1.25 0.44 -4.03
#